data_4IXC
#
_entry.id   4IXC
#
_cell.length_a   77.628
_cell.length_b   77.628
_cell.length_c   85.824
_cell.angle_alpha   90.00
_cell.angle_beta   90.00
_cell.angle_gamma   90.00
#
_symmetry.space_group_name_H-M   'P 41'
#
loop_
_entity.id
_entity.type
_entity.pdbx_description
1 polymer 'Glucokinase isoform 3'
2 non-polymer 'SODIUM ION'
3 non-polymer alpha-D-glucopyranose
4 non-polymer (2S)-2-{[1-(3-chloropyridin-2-yl)-1H-pyrazolo[3,4-d]pyrimidin-4-yl]oxy}-N-(5-methylpyridin-2-yl)-3-(propan-2-yloxy)propanamide
5 water water
#
_entity_poly.entity_id   1
_entity_poly.type   'polypeptide(L)'
_entity_poly.pdbx_seq_one_letter_code
;GSSNSQVEQILAEFQLQAADLKKVMRRMQKEMDRGLRLETHAAASVKMLPTYVRSTPEGSEVGDFLSLDLGGTNFRVMLV
KVGEGEEGQWSVKTKHQMYSIPEDAMTGTAEMLFDYISECISDFLDKHQMKHKKLPLGFTFSFPVRHEDIDKGILLNWTK
GFKASGAEGNNVVGLLRDAIKRRGDFEMDVVAMVNDTVATMISCYYEDHQCEVGMIVGTGCNACYMEEMQNVELVEGDEG
RMCVNTEWGAFGDSGELDEFLLEYDRLVDESSANPGQQLYEKLIGGKYMGELVRLVLLRLVDENLLFHGEASEQLRTRGA
FETRFVSQVESDTGDRKQIYNILSTLGLRPSTTDCDIVRRACESVSTRAAHMCSAGLAGVINRMRESRSEDVMRITVGVD
GSVYKLHPSFKERFHASVRRLTPSCEITFIESEEGSGRGAALVSAVACKKACMLGQ
;
_entity_poly.pdbx_strand_id   A
#
loop_
_chem_comp.id
_chem_comp.type
_chem_comp.name
_chem_comp.formula
1JD non-polymer (2S)-2-{[1-(3-chloropyridin-2-yl)-1H-pyrazolo[3,4-d]pyrimidin-4-yl]oxy}-N-(5-methylpyridin-2-yl)-3-(propan-2-yloxy)propanamide 'C22 H22 Cl N7 O3'
GLC D-saccharide, alpha linking alpha-D-glucopyranose 'C6 H12 O6'
NA non-polymer 'SODIUM ION' 'Na 1'
#
# COMPACT_ATOMS: atom_id res chain seq x y z
N ASN A 4 -27.49 7.09 -22.55
CA ASN A 4 -26.95 5.91 -21.82
C ASN A 4 -26.05 5.09 -22.73
N SER A 5 -26.53 4.97 -23.96
CA SER A 5 -25.72 4.54 -25.07
C SER A 5 -24.27 4.99 -24.91
N GLN A 6 -24.09 6.32 -24.91
CA GLN A 6 -22.76 6.94 -25.01
C GLN A 6 -21.99 7.01 -23.68
N VAL A 7 -22.73 7.05 -22.58
CA VAL A 7 -22.16 6.85 -21.26
C VAL A 7 -21.37 5.52 -21.24
N GLU A 8 -22.03 4.43 -21.66
CA GLU A 8 -21.50 3.09 -21.48
C GLU A 8 -20.28 2.80 -22.35
N GLN A 9 -20.16 3.52 -23.47
CA GLN A 9 -18.95 3.39 -24.28
C GLN A 9 -17.83 4.31 -23.81
N ILE A 10 -18.14 5.44 -23.17
CA ILE A 10 -17.07 6.20 -22.52
C ILE A 10 -16.58 5.39 -21.34
N LEU A 11 -17.51 4.80 -20.60
CA LEU A 11 -17.14 3.96 -19.48
C LEU A 11 -16.41 2.67 -19.88
N ALA A 12 -16.68 2.18 -21.09
CA ALA A 12 -16.07 0.94 -21.61
C ALA A 12 -14.60 1.05 -21.84
N GLU A 13 -14.06 2.26 -22.01
CA GLU A 13 -12.59 2.44 -22.13
C GLU A 13 -11.82 1.86 -20.95
N PHE A 14 -12.50 1.61 -19.81
CA PHE A 14 -11.87 1.15 -18.56
C PHE A 14 -11.80 -0.37 -18.47
N GLN A 15 -12.48 -1.06 -19.40
CA GLN A 15 -12.48 -2.51 -19.42
C GLN A 15 -11.09 -3.03 -19.77
N LEU A 16 -10.70 -4.10 -19.11
CA LEU A 16 -9.50 -4.82 -19.47
C LEU A 16 -9.88 -6.27 -19.70
N GLN A 17 -9.56 -6.76 -20.89
CA GLN A 17 -9.86 -8.12 -21.26
C GLN A 17 -8.85 -9.03 -20.54
N ALA A 18 -9.23 -10.28 -20.42
CA ALA A 18 -8.34 -11.31 -19.99
C ALA A 18 -6.97 -11.16 -20.62
N ALA A 19 -6.92 -10.89 -21.93
CA ALA A 19 -5.65 -10.86 -22.63
C ALA A 19 -4.84 -9.64 -22.24
N ASP A 20 -5.51 -8.56 -21.94
CA ASP A 20 -4.81 -7.41 -21.44
C ASP A 20 -4.18 -7.76 -20.08
N LEU A 21 -4.92 -8.44 -19.25
CA LEU A 21 -4.48 -8.67 -17.89
C LEU A 21 -3.33 -9.64 -17.91
N LYS A 22 -3.37 -10.64 -18.81
CA LYS A 22 -2.21 -11.54 -18.91
C LYS A 22 -1.00 -10.81 -19.42
N LYS A 23 -1.19 -9.89 -20.35
CA LYS A 23 -0.03 -9.14 -20.87
C LYS A 23 0.65 -8.35 -19.70
N VAL A 24 -0.17 -7.68 -18.93
CA VAL A 24 0.29 -6.89 -17.76
C VAL A 24 0.98 -7.80 -16.78
N MET A 25 0.35 -8.93 -16.48
CA MET A 25 0.97 -9.89 -15.55
C MET A 25 2.35 -10.32 -15.98
N ARG A 26 2.45 -10.69 -17.27
CA ARG A 26 3.76 -11.20 -17.75
C ARG A 26 4.82 -10.11 -17.80
N ARG A 27 4.42 -8.90 -18.11
CA ARG A 27 5.38 -7.82 -18.17
C ARG A 27 5.86 -7.50 -16.73
N MET A 28 4.94 -7.57 -15.77
CA MET A 28 5.29 -7.40 -14.37
C MET A 28 6.28 -8.45 -13.99
N GLN A 29 6.04 -9.68 -14.38
CA GLN A 29 7.05 -10.77 -14.08
C GLN A 29 8.45 -10.52 -14.70
N LYS A 30 8.47 -10.01 -15.92
CA LYS A 30 9.75 -9.63 -16.55
C LYS A 30 10.42 -8.40 -15.85
N GLU A 31 9.63 -7.44 -15.37
CA GLU A 31 10.21 -6.29 -14.60
C GLU A 31 10.74 -6.74 -13.22
N MET A 32 10.07 -7.71 -12.62
CA MET A 32 10.51 -8.26 -11.36
C MET A 32 11.82 -8.88 -11.54
N ASP A 33 11.91 -9.63 -12.62
CA ASP A 33 13.12 -10.31 -12.89
C ASP A 33 14.27 -9.38 -13.17
N ARG A 34 14.01 -8.33 -13.96
CA ARG A 34 14.99 -7.22 -14.16
C ARG A 34 15.46 -6.59 -12.87
N GLY A 35 14.55 -6.38 -11.95
CA GLY A 35 14.86 -5.66 -10.70
C GLY A 35 15.72 -6.46 -9.75
N LEU A 36 15.60 -7.80 -9.80
CA LEU A 36 16.43 -8.75 -9.03
C LEU A 36 17.90 -8.99 -9.49
N ARG A 37 18.15 -8.81 -10.77
CA ARG A 37 19.49 -9.08 -11.38
C ARG A 37 20.42 -7.87 -11.31
N LEU A 38 21.68 -8.07 -10.93
CA LEU A 38 22.66 -6.93 -10.83
C LEU A 38 22.79 -6.19 -12.16
N GLU A 39 22.76 -6.93 -13.25
CA GLU A 39 22.99 -6.31 -14.55
C GLU A 39 21.93 -5.28 -14.87
N THR A 40 20.67 -5.54 -14.50
CA THR A 40 19.54 -4.63 -14.82
C THR A 40 18.83 -3.88 -13.69
N HIS A 41 19.24 -4.17 -12.45
CA HIS A 41 18.60 -3.64 -11.26
C HIS A 41 18.54 -2.12 -11.34
N ALA A 42 19.67 -1.48 -11.67
CA ALA A 42 19.74 -0.05 -11.57
C ALA A 42 18.76 0.61 -12.55
N ALA A 43 18.51 0.02 -13.71
CA ALA A 43 17.49 0.61 -14.61
C ALA A 43 16.09 0.02 -14.48
N ALA A 44 15.85 -0.96 -13.58
CA ALA A 44 14.51 -1.56 -13.43
C ALA A 44 13.46 -0.57 -12.86
N SER A 45 12.28 -0.51 -13.42
CA SER A 45 11.23 0.30 -12.84
C SER A 45 10.66 -0.35 -11.55
N VAL A 46 10.71 -1.70 -11.51
CA VAL A 46 10.25 -2.49 -10.42
C VAL A 46 11.51 -2.88 -9.66
N LYS A 47 11.72 -2.14 -8.57
CA LYS A 47 13.02 -2.19 -7.85
C LYS A 47 13.40 -3.43 -7.07
N MET A 48 12.43 -4.22 -6.57
CA MET A 48 12.73 -5.54 -5.93
C MET A 48 13.77 -5.40 -4.81
N LEU A 49 13.45 -4.49 -3.87
CA LEU A 49 14.41 -4.05 -2.87
C LEU A 49 14.56 -5.12 -1.77
N PRO A 50 15.77 -5.61 -1.55
CA PRO A 50 15.99 -6.45 -0.39
C PRO A 50 15.66 -5.78 0.96
N THR A 51 14.95 -6.50 1.82
CA THR A 51 14.48 -5.98 3.10
C THR A 51 15.33 -6.47 4.30
N TYR A 52 16.22 -7.46 4.10
CA TYR A 52 16.89 -8.16 5.21
C TYR A 52 15.95 -8.90 6.16
N VAL A 53 14.70 -9.08 5.79
CA VAL A 53 13.81 -9.95 6.56
C VAL A 53 13.98 -11.34 5.93
N ARG A 54 14.38 -12.29 6.73
CA ARG A 54 14.72 -13.66 6.24
C ARG A 54 13.80 -14.71 6.79
N SER A 55 13.68 -15.82 6.03
CA SER A 55 13.08 -17.06 6.59
C SER A 55 14.00 -17.55 7.71
N THR A 56 13.39 -17.97 8.80
CA THR A 56 14.13 -18.27 9.98
C THR A 56 13.19 -19.14 10.82
N PRO A 57 13.75 -20.00 11.72
CA PRO A 57 12.94 -20.74 12.69
C PRO A 57 11.96 -19.83 13.49
N GLU A 58 10.76 -20.31 13.77
CA GLU A 58 9.73 -19.49 14.39
C GLU A 58 10.09 -19.14 15.82
N GLY A 59 9.74 -17.91 16.22
CA GLY A 59 9.97 -17.50 17.59
C GLY A 59 10.66 -16.14 17.64
N SER A 60 10.53 -15.52 18.79
CA SER A 60 11.06 -14.22 18.98
C SER A 60 11.42 -14.10 20.45
N GLU A 61 12.03 -12.98 20.82
CA GLU A 61 12.07 -12.58 22.20
C GLU A 61 10.67 -12.43 22.75
N VAL A 62 10.56 -12.66 24.06
CA VAL A 62 9.35 -12.41 24.84
C VAL A 62 9.53 -11.02 25.47
N GLY A 63 8.45 -10.25 25.54
CA GLY A 63 8.50 -8.93 26.19
C GLY A 63 7.60 -7.93 25.47
N ASP A 64 7.81 -6.69 25.82
CA ASP A 64 7.12 -5.58 25.24
C ASP A 64 7.98 -4.90 24.13
N PHE A 65 7.27 -4.54 23.05
CA PHE A 65 7.84 -3.97 21.85
C PHE A 65 6.95 -2.79 21.39
N LEU A 66 7.57 -1.68 21.08
CA LEU A 66 6.85 -0.58 20.42
C LEU A 66 6.95 -0.68 18.92
N SER A 67 5.90 -0.19 18.27
CA SER A 67 5.77 -0.10 16.86
C SER A 67 5.32 1.34 16.50
N LEU A 68 5.96 1.91 15.50
CA LEU A 68 5.52 3.14 14.84
C LEU A 68 5.12 2.76 13.41
N ASP A 69 4.01 3.26 12.91
CA ASP A 69 3.57 2.95 11.54
C ASP A 69 3.31 4.30 10.82
N LEU A 70 4.23 4.70 9.95
CA LEU A 70 4.05 5.95 9.12
C LEU A 70 3.92 5.58 7.65
N GLY A 71 2.79 5.92 7.10
CA GLY A 71 2.55 5.61 5.69
C GLY A 71 1.50 6.47 5.03
N GLY A 72 0.90 7.36 5.82
CA GLY A 72 -0.08 8.32 5.33
C GLY A 72 -0.10 9.48 6.32
N THR A 73 -0.99 10.42 6.04
CA THR A 73 -1.42 11.47 6.98
C THR A 73 -1.84 10.95 8.39
N ASN A 74 -2.47 9.78 8.47
CA ASN A 74 -2.76 9.20 9.77
C ASN A 74 -1.72 8.18 10.11
N PHE A 75 -1.22 8.26 11.33
CA PHE A 75 -0.30 7.28 11.76
C PHE A 75 -0.51 6.75 13.16
N ARG A 76 0.22 5.67 13.47
CA ARG A 76 -0.12 4.85 14.63
C ARG A 76 1.07 4.49 15.47
N VAL A 77 0.88 4.58 16.76
CA VAL A 77 1.83 4.06 17.72
C VAL A 77 1.14 2.88 18.44
N MET A 78 1.90 1.82 18.68
CA MET A 78 1.41 0.54 19.21
C MET A 78 2.42 -0.04 20.22
N LEU A 79 1.86 -0.68 21.25
CA LEU A 79 2.59 -1.42 22.27
C LEU A 79 2.14 -2.86 22.03
N VAL A 80 3.10 -3.76 21.81
CA VAL A 80 2.83 -5.13 21.41
C VAL A 80 3.52 -6.04 22.45
N LYS A 81 2.75 -6.87 23.11
CA LYS A 81 3.32 -7.77 24.20
C LYS A 81 3.34 -9.17 23.74
N VAL A 82 4.55 -9.75 23.60
CA VAL A 82 4.74 -11.11 23.09
C VAL A 82 5.08 -11.99 24.33
N GLY A 83 4.35 -13.10 24.45
CA GLY A 83 4.39 -13.98 25.63
C GLY A 83 4.31 -15.41 25.12
N GLU A 84 4.80 -16.36 25.92
CA GLU A 84 4.66 -17.82 25.65
C GLU A 84 3.80 -18.44 26.79
N GLY A 85 3.04 -19.47 26.40
CA GLY A 85 2.17 -20.29 27.27
C GLY A 85 2.68 -21.72 27.31
N GLN A 89 0.49 -21.91 23.14
CA GLN A 89 1.88 -21.56 23.32
C GLN A 89 2.28 -20.06 23.19
N TRP A 90 2.40 -19.48 21.99
CA TRP A 90 2.65 -18.01 21.89
C TRP A 90 1.41 -17.21 22.00
N SER A 91 1.54 -16.03 22.62
CA SER A 91 0.46 -15.04 22.56
C SER A 91 0.96 -13.61 22.28
N VAL A 92 0.19 -12.84 21.51
CA VAL A 92 0.52 -11.46 21.15
C VAL A 92 -0.68 -10.59 21.47
N LYS A 93 -0.47 -9.59 22.29
CA LYS A 93 -1.53 -8.63 22.61
C LYS A 93 -1.03 -7.23 22.30
N THR A 94 -1.97 -6.39 21.84
CA THR A 94 -1.66 -5.03 21.40
C THR A 94 -2.55 -3.87 21.97
N LYS A 95 -1.95 -2.68 22.08
CA LYS A 95 -2.65 -1.45 22.47
C LYS A 95 -2.13 -0.47 21.44
N HIS A 96 -3.01 0.40 20.93
CA HIS A 96 -2.64 1.40 19.93
C HIS A 96 -3.22 2.82 20.23
N GLN A 97 -2.62 3.82 19.59
CA GLN A 97 -3.26 5.14 19.47
C GLN A 97 -2.96 5.62 18.05
N MET A 98 -3.85 6.46 17.52
CA MET A 98 -3.83 7.02 16.19
C MET A 98 -3.52 8.48 16.31
N TYR A 99 -2.80 9.00 15.34
CA TYR A 99 -2.38 10.41 15.28
C TYR A 99 -2.53 10.89 13.85
N SER A 100 -2.91 12.15 13.68
CA SER A 100 -3.14 12.71 12.36
C SER A 100 -2.02 13.77 12.15
N ILE A 101 -1.38 13.82 10.99
CA ILE A 101 -0.25 14.72 10.84
C ILE A 101 -0.72 15.99 10.11
N PRO A 102 -0.47 17.13 10.66
CA PRO A 102 -0.94 18.31 9.91
C PRO A 102 -0.09 18.56 8.65
N GLU A 103 -0.64 19.27 7.68
CA GLU A 103 0.07 19.51 6.41
C GLU A 103 1.46 20.17 6.59
N ASP A 104 1.49 21.15 7.48
CA ASP A 104 2.67 21.88 7.96
C ASP A 104 3.83 20.99 8.31
N ALA A 105 3.49 19.83 8.86
CA ALA A 105 4.47 18.95 9.36
C ALA A 105 4.87 17.95 8.31
N MET A 106 4.07 17.78 7.25
CA MET A 106 4.42 16.85 6.16
C MET A 106 5.13 17.47 4.97
N THR A 107 5.06 18.81 4.85
CA THR A 107 5.56 19.56 3.70
C THR A 107 6.64 20.57 4.10
N GLY A 108 7.14 20.46 5.32
CA GLY A 108 8.20 21.27 5.84
C GLY A 108 9.45 20.44 5.84
N THR A 109 10.25 20.48 6.89
CA THR A 109 11.45 19.68 6.87
C THR A 109 11.24 18.28 7.48
N ALA A 110 12.16 17.37 7.18
CA ALA A 110 12.20 16.05 7.83
C ALA A 110 12.23 16.18 9.35
N GLU A 111 13.01 17.12 9.87
CA GLU A 111 13.14 17.27 11.30
C GLU A 111 11.79 17.67 11.95
N MET A 112 10.99 18.48 11.25
CA MET A 112 9.73 18.92 11.76
C MET A 112 8.86 17.69 11.73
N LEU A 113 9.04 16.83 10.74
CA LEU A 113 8.13 15.69 10.66
C LEU A 113 8.44 14.71 11.83
N PHE A 114 9.69 14.41 11.98
CA PHE A 114 10.15 13.50 13.04
C PHE A 114 9.99 14.07 14.45
N ASP A 115 9.97 15.40 14.57
CA ASP A 115 9.68 15.99 15.89
C ASP A 115 8.22 15.76 16.25
N TYR A 116 7.36 15.90 15.27
CA TYR A 116 5.93 15.71 15.49
C TYR A 116 5.70 14.23 15.90
N ILE A 117 6.36 13.31 15.19
CA ILE A 117 6.27 11.90 15.47
C ILE A 117 6.72 11.61 16.90
N SER A 118 7.80 12.23 17.34
CA SER A 118 8.32 11.96 18.62
C SER A 118 7.42 12.52 19.69
N GLU A 119 6.74 13.67 19.42
CA GLU A 119 5.80 14.18 20.37
C GLU A 119 4.68 13.18 20.59
N CYS A 120 4.18 12.62 19.52
CA CYS A 120 3.13 11.60 19.57
C CYS A 120 3.55 10.32 20.35
N ILE A 121 4.76 9.87 20.13
CA ILE A 121 5.29 8.74 20.86
C ILE A 121 5.26 9.08 22.33
N SER A 122 5.74 10.27 22.65
CA SER A 122 5.66 10.79 23.98
C SER A 122 4.25 10.78 24.60
N ASP A 123 3.26 11.26 23.85
CA ASP A 123 1.85 11.19 24.25
C ASP A 123 1.46 9.70 24.50
N PHE A 124 1.91 8.79 23.62
CA PHE A 124 1.50 7.39 23.77
C PHE A 124 2.02 6.80 25.06
N LEU A 125 3.26 7.11 25.34
CA LEU A 125 3.92 6.55 26.47
C LEU A 125 3.31 7.09 27.76
N ASP A 126 2.92 8.36 27.80
CA ASP A 126 2.24 8.99 28.89
C ASP A 126 0.93 8.33 29.17
N LYS A 127 0.12 8.12 28.14
CA LYS A 127 -1.19 7.56 28.31
C LYS A 127 -1.16 6.06 28.67
N HIS A 128 -0.01 5.43 28.51
CA HIS A 128 0.14 4.03 28.95
C HIS A 128 1.08 3.87 30.14
N GLN A 129 1.31 4.98 30.85
CA GLN A 129 2.13 5.09 32.06
C GLN A 129 3.44 4.33 31.92
N MET A 130 4.11 4.53 30.81
CA MET A 130 5.35 3.78 30.54
C MET A 130 6.46 4.65 29.95
N LYS A 131 6.42 5.96 30.21
CA LYS A 131 7.44 6.84 29.65
C LYS A 131 8.85 6.62 30.24
N HIS A 132 8.90 6.11 31.45
CA HIS A 132 10.23 5.72 32.13
C HIS A 132 10.86 4.47 31.49
N LYS A 133 10.14 3.75 30.63
CA LYS A 133 10.69 2.49 30.06
C LYS A 133 11.41 2.76 28.75
N LYS A 134 12.52 2.03 28.57
CA LYS A 134 13.28 2.04 27.34
C LYS A 134 13.04 0.72 26.62
N LEU A 135 12.28 0.71 25.50
CA LEU A 135 11.92 -0.55 24.82
C LEU A 135 12.48 -0.60 23.41
N PRO A 136 12.49 -1.76 22.84
CA PRO A 136 12.79 -1.95 21.45
C PRO A 136 11.64 -1.45 20.62
N LEU A 137 11.97 -0.80 19.50
CA LEU A 137 10.96 -0.18 18.64
C LEU A 137 11.18 -0.64 17.24
N GLY A 138 10.09 -1.02 16.61
CA GLY A 138 10.11 -1.35 15.21
C GLY A 138 9.36 -0.30 14.44
N PHE A 139 9.88 0.02 13.27
CA PHE A 139 9.33 1.16 12.49
C PHE A 139 8.85 0.70 11.16
N THR A 140 7.55 0.78 10.95
CA THR A 140 6.93 0.55 9.67
C THR A 140 6.93 1.90 8.98
N PHE A 141 7.69 1.96 7.89
CA PHE A 141 7.89 3.16 7.11
C PHE A 141 7.58 2.87 5.61
N SER A 142 6.46 3.41 5.16
CA SER A 142 5.79 2.95 3.97
C SER A 142 6.12 3.76 2.71
N PHE A 143 7.41 3.81 2.40
CA PHE A 143 7.95 4.54 1.26
C PHE A 143 9.17 3.78 0.77
N PRO A 144 9.54 3.99 -0.50
CA PRO A 144 10.65 3.19 -1.04
C PRO A 144 11.96 3.45 -0.34
N VAL A 145 12.61 2.39 0.13
CA VAL A 145 13.80 2.50 0.91
C VAL A 145 14.78 1.49 0.40
N ARG A 146 16.05 1.90 0.26
CA ARG A 146 17.14 0.97 0.02
C ARG A 146 17.64 0.56 1.39
N HIS A 147 17.46 -0.70 1.78
CA HIS A 147 17.88 -1.22 3.09
C HIS A 147 19.33 -1.65 2.97
N GLU A 148 20.15 -1.33 3.97
CA GLU A 148 21.49 -1.88 4.06
C GLU A 148 21.56 -2.89 5.15
N ASP A 149 20.50 -2.94 5.97
CA ASP A 149 20.36 -3.93 7.03
C ASP A 149 18.92 -3.79 7.56
N ILE A 150 18.55 -4.62 8.53
CA ILE A 150 17.25 -4.59 9.14
C ILE A 150 16.92 -3.20 9.82
N ASP A 151 17.93 -2.48 10.30
CA ASP A 151 17.77 -1.27 11.10
C ASP A 151 18.44 -0.11 10.41
N LYS A 152 18.67 -0.26 9.11
CA LYS A 152 19.22 0.85 8.31
C LYS A 152 18.70 0.94 6.87
N GLY A 153 18.21 2.13 6.49
CA GLY A 153 17.63 2.33 5.20
C GLY A 153 17.50 3.75 4.76
N ILE A 154 17.79 3.94 3.49
CA ILE A 154 17.81 5.23 2.84
C ILE A 154 16.59 5.45 2.06
N LEU A 155 15.88 6.52 2.36
CA LEU A 155 14.71 6.91 1.57
C LEU A 155 15.10 7.25 0.12
N LEU A 156 14.54 6.54 -0.85
CA LEU A 156 14.84 6.77 -2.25
C LEU A 156 14.06 7.96 -2.71
N ASN A 157 12.73 7.91 -2.47
CA ASN A 157 11.86 9.04 -2.73
C ASN A 157 10.54 8.93 -2.02
N TRP A 158 9.97 10.08 -1.67
CA TRP A 158 8.68 10.14 -1.13
C TRP A 158 7.69 9.69 -2.21
N THR A 159 6.61 9.04 -1.77
CA THR A 159 5.51 8.67 -2.64
C THR A 159 4.25 9.13 -1.95
N LYS A 160 3.10 8.89 -2.59
CA LYS A 160 1.80 9.19 -1.99
C LYS A 160 1.72 10.63 -1.50
N GLY A 161 2.29 11.57 -2.25
CA GLY A 161 2.20 12.99 -1.87
C GLY A 161 3.00 13.51 -0.68
N PHE A 162 3.80 12.69 0.02
CA PHE A 162 4.69 13.28 1.04
C PHE A 162 5.82 14.14 0.39
N LYS A 163 6.30 15.14 1.12
CA LYS A 163 7.27 16.16 0.60
C LYS A 163 8.34 16.62 1.57
N ALA A 164 8.34 16.20 2.82
CA ALA A 164 9.31 16.72 3.76
C ALA A 164 10.71 16.75 3.21
N SER A 165 11.33 17.90 3.35
CA SER A 165 12.67 18.13 2.81
C SER A 165 13.78 17.60 3.76
N GLY A 166 14.95 17.25 3.21
CA GLY A 166 16.05 16.83 4.07
C GLY A 166 15.96 15.33 4.38
N ALA A 167 15.09 14.62 3.67
CA ALA A 167 14.87 13.15 3.99
C ALA A 167 15.39 12.22 2.93
N GLU A 168 15.04 12.51 1.68
CA GLU A 168 15.44 11.70 0.55
C GLU A 168 16.96 11.61 0.51
N GLY A 169 17.49 10.42 0.31
CA GLY A 169 18.94 10.20 0.35
C GLY A 169 19.50 9.98 1.74
N ASN A 170 18.66 10.06 2.77
CA ASN A 170 19.16 9.94 4.15
C ASN A 170 18.64 8.70 4.84
N ASN A 171 19.39 8.24 5.86
CA ASN A 171 19.01 7.16 6.73
C ASN A 171 17.82 7.53 7.60
N VAL A 172 16.69 6.91 7.26
CA VAL A 172 15.40 7.20 7.89
C VAL A 172 15.43 6.84 9.36
N VAL A 173 16.10 5.74 9.66
CA VAL A 173 16.33 5.38 11.06
C VAL A 173 17.11 6.45 11.84
N GLY A 174 18.11 7.05 11.22
CA GLY A 174 18.83 8.17 11.82
C GLY A 174 17.97 9.37 12.08
N LEU A 175 17.06 9.63 11.18
CA LEU A 175 16.14 10.72 11.36
C LEU A 175 15.25 10.48 12.57
N LEU A 176 14.72 9.27 12.71
CA LEU A 176 13.93 8.98 13.89
C LEU A 176 14.73 9.16 15.16
N ARG A 177 15.88 8.51 15.22
CA ARG A 177 16.68 8.49 16.40
C ARG A 177 17.12 9.91 16.79
N ASP A 178 17.44 10.73 15.79
CA ASP A 178 17.86 12.12 16.07
C ASP A 178 16.68 12.86 16.68
N ALA A 179 15.46 12.65 16.16
CA ALA A 179 14.33 13.37 16.73
C ALA A 179 14.04 12.98 18.17
N ILE A 180 14.16 11.65 18.44
CA ILE A 180 13.94 11.14 19.79
C ILE A 180 14.94 11.81 20.75
N LYS A 181 16.20 11.85 20.32
CA LYS A 181 17.22 12.46 21.13
C LYS A 181 16.99 13.99 21.30
N ARG A 182 16.59 14.69 20.25
CA ARG A 182 16.32 16.12 20.35
C ARG A 182 15.26 16.40 21.42
N ARG A 183 14.24 15.57 21.46
CA ARG A 183 13.16 15.76 22.39
C ARG A 183 13.64 15.45 23.83
N GLY A 184 14.42 14.39 23.97
CA GLY A 184 14.98 14.02 25.30
C GLY A 184 13.99 13.65 26.41
N ASP A 185 12.79 13.29 26.02
CA ASP A 185 11.69 13.00 26.96
C ASP A 185 11.51 11.46 27.23
N PHE A 186 12.21 10.61 26.45
CA PHE A 186 12.10 9.14 26.47
C PHE A 186 13.27 8.58 25.65
N GLU A 187 13.48 7.27 25.82
CA GLU A 187 14.53 6.58 25.13
C GLU A 187 13.91 5.31 24.57
N MET A 188 14.33 4.87 23.40
CA MET A 188 13.87 3.64 22.72
C MET A 188 15.07 3.16 21.93
N ASP A 189 15.17 1.85 21.69
CA ASP A 189 16.13 1.28 20.77
C ASP A 189 15.43 0.92 19.48
N VAL A 190 15.73 1.68 18.41
CA VAL A 190 15.14 1.41 17.12
C VAL A 190 15.97 0.26 16.60
N VAL A 191 15.32 -0.90 16.56
CA VAL A 191 15.99 -2.13 16.13
C VAL A 191 15.62 -2.59 14.74
N ALA A 192 14.59 -2.03 14.13
CA ALA A 192 14.11 -2.53 12.85
C ALA A 192 13.24 -1.48 12.11
N MET A 193 13.41 -1.43 10.80
CA MET A 193 12.55 -0.63 9.97
C MET A 193 12.15 -1.49 8.81
N VAL A 194 10.86 -1.54 8.52
CA VAL A 194 10.34 -2.33 7.45
C VAL A 194 9.30 -1.53 6.65
N ASN A 195 9.05 -1.99 5.44
CA ASN A 195 7.92 -1.54 4.66
C ASN A 195 6.55 -2.02 5.23
N ASP A 196 5.44 -1.32 4.97
CA ASP A 196 4.11 -1.82 5.41
C ASP A 196 3.69 -3.17 4.80
N THR A 197 4.05 -3.42 3.53
CA THR A 197 3.86 -4.73 2.96
C THR A 197 4.51 -5.87 3.76
N VAL A 198 5.74 -5.62 4.13
CA VAL A 198 6.57 -6.54 4.87
C VAL A 198 6.04 -6.80 6.26
N ALA A 199 5.75 -5.70 6.98
CA ALA A 199 5.08 -5.81 8.24
C ALA A 199 3.78 -6.62 8.20
N THR A 200 2.93 -6.38 7.19
CA THR A 200 1.67 -7.10 7.02
C THR A 200 1.92 -8.55 6.81
N MET A 201 2.94 -8.88 6.01
CA MET A 201 3.24 -10.26 5.80
C MET A 201 3.71 -10.97 7.05
N ILE A 202 4.58 -10.34 7.81
CA ILE A 202 5.12 -10.92 9.08
C ILE A 202 3.97 -11.16 10.06
N SER A 203 3.13 -10.15 10.27
CA SER A 203 1.95 -10.30 11.16
C SER A 203 1.01 -11.46 10.73
N CYS A 204 0.90 -11.67 9.44
CA CYS A 204 0.05 -12.68 8.86
C CYS A 204 0.72 -14.04 9.04
N TYR A 205 2.03 -14.08 8.84
CA TYR A 205 2.79 -15.30 8.99
C TYR A 205 2.62 -15.84 10.39
N TYR A 206 2.63 -14.93 11.36
CA TYR A 206 2.45 -15.31 12.74
C TYR A 206 1.17 -16.11 12.93
N GLU A 207 0.09 -15.75 12.24
CA GLU A 207 -1.18 -16.46 12.29
C GLU A 207 -1.16 -17.69 11.37
N ASP A 208 -0.47 -17.62 10.24
CA ASP A 208 -0.51 -18.68 9.21
C ASP A 208 0.83 -18.83 8.52
N HIS A 209 1.52 -19.93 8.81
CA HIS A 209 2.89 -20.07 8.30
C HIS A 209 3.01 -20.20 6.80
N GLN A 210 1.91 -20.30 6.06
CA GLN A 210 2.02 -20.30 4.63
C GLN A 210 1.94 -18.91 4.08
N CYS A 211 1.89 -17.89 4.94
CA CYS A 211 1.77 -16.53 4.46
C CYS A 211 3.18 -16.04 4.07
N GLU A 212 3.40 -15.85 2.76
CA GLU A 212 4.70 -15.42 2.28
C GLU A 212 4.60 -14.25 1.32
N VAL A 213 3.46 -13.61 1.28
CA VAL A 213 3.25 -12.39 0.47
C VAL A 213 2.49 -11.43 1.33
N GLY A 214 2.87 -10.16 1.25
CA GLY A 214 2.15 -9.09 1.85
C GLY A 214 1.75 -8.12 0.78
N MET A 215 0.56 -7.55 0.90
CA MET A 215 0.09 -6.60 -0.08
C MET A 215 -0.68 -5.51 0.60
N ILE A 216 -0.50 -4.30 0.13
CA ILE A 216 -1.27 -3.20 0.50
C ILE A 216 -2.07 -2.60 -0.64
N VAL A 217 -3.36 -2.38 -0.40
CA VAL A 217 -4.17 -1.58 -1.33
C VAL A 217 -4.90 -0.55 -0.44
N GLY A 218 -4.18 0.57 -0.27
CA GLY A 218 -4.56 1.59 0.68
C GLY A 218 -4.48 2.84 -0.16
N THR A 219 -3.92 3.89 0.42
CA THR A 219 -3.60 5.13 -0.31
C THR A 219 -2.63 4.83 -1.43
N GLY A 220 -1.73 3.89 -1.20
CA GLY A 220 -0.83 3.42 -2.23
C GLY A 220 -1.03 1.98 -2.45
N CYS A 221 -0.23 1.38 -3.34
CA CYS A 221 -0.39 -0.04 -3.67
C CYS A 221 0.97 -0.68 -3.91
N ASN A 222 1.26 -1.77 -3.21
CA ASN A 222 2.57 -2.37 -3.21
C ASN A 222 2.45 -3.80 -2.76
N ALA A 223 3.45 -4.62 -3.09
CA ALA A 223 3.56 -5.94 -2.48
C ALA A 223 4.99 -6.34 -2.18
N CYS A 224 5.12 -7.32 -1.29
CA CYS A 224 6.37 -7.95 -1.00
C CYS A 224 6.18 -9.45 -0.98
N TYR A 225 7.26 -10.22 -1.14
CA TYR A 225 7.16 -11.68 -1.05
C TYR A 225 8.50 -12.27 -0.73
N MET A 226 8.50 -13.54 -0.31
CA MET A 226 9.70 -14.26 0.02
C MET A 226 10.32 -14.87 -1.26
N GLU A 227 11.51 -14.38 -1.62
CA GLU A 227 12.29 -14.80 -2.76
C GLU A 227 13.42 -15.72 -2.32
N GLU A 228 13.81 -16.67 -3.20
CA GLU A 228 14.97 -17.52 -2.90
C GLU A 228 16.22 -16.65 -2.92
N MET A 229 17.13 -16.82 -1.95
CA MET A 229 18.33 -16.01 -1.86
C MET A 229 19.24 -16.05 -3.12
N GLN A 230 19.32 -17.21 -3.80
CA GLN A 230 20.12 -17.25 -5.03
C GLN A 230 19.50 -16.26 -6.09
N ASN A 231 18.21 -15.97 -6.01
CA ASN A 231 17.63 -15.01 -6.96
C ASN A 231 17.79 -13.56 -6.53
N VAL A 232 18.14 -13.33 -5.26
CA VAL A 232 18.38 -12.00 -4.74
C VAL A 232 19.89 -11.73 -4.91
N GLU A 233 20.27 -11.33 -6.11
CA GLU A 233 21.66 -11.11 -6.49
C GLU A 233 22.30 -9.93 -5.80
N LEU A 234 21.51 -8.93 -5.38
CA LEU A 234 22.03 -7.84 -4.57
C LEU A 234 22.54 -8.20 -3.19
N VAL A 235 22.29 -9.41 -2.71
CA VAL A 235 22.71 -9.75 -1.37
C VAL A 235 23.36 -11.12 -1.46
N GLU A 236 24.60 -11.22 -1.00
CA GLU A 236 25.40 -12.44 -1.10
C GLU A 236 24.74 -13.58 -0.32
N GLY A 237 24.67 -14.76 -0.93
CA GLY A 237 24.15 -15.95 -0.28
C GLY A 237 23.07 -16.61 -1.12
N ASP A 238 23.02 -17.91 -1.08
CA ASP A 238 22.09 -18.69 -1.90
C ASP A 238 21.09 -19.44 -1.02
N GLU A 239 21.38 -19.49 0.28
CA GLU A 239 20.61 -20.30 1.21
C GLU A 239 19.41 -19.56 1.83
N GLY A 240 18.28 -20.25 1.92
CA GLY A 240 17.07 -19.68 2.46
C GLY A 240 16.37 -18.67 1.57
N ARG A 241 15.48 -17.87 2.17
CA ARG A 241 14.67 -16.84 1.52
C ARG A 241 14.82 -15.46 2.22
N MET A 242 14.57 -14.38 1.45
CA MET A 242 14.53 -13.06 1.95
C MET A 242 13.34 -12.37 1.32
N CYS A 243 12.63 -11.59 2.14
CA CYS A 243 11.54 -10.77 1.66
C CYS A 243 12.09 -9.67 0.73
N VAL A 244 11.42 -9.45 -0.39
CA VAL A 244 11.78 -8.45 -1.35
C VAL A 244 10.58 -7.53 -1.42
N ASN A 245 10.83 -6.24 -1.32
CA ASN A 245 9.80 -5.23 -1.44
C ASN A 245 9.71 -4.82 -2.86
N THR A 246 8.68 -5.31 -3.56
CA THR A 246 8.73 -5.08 -5.03
C THR A 246 8.76 -3.63 -5.41
N GLU A 247 8.04 -2.78 -4.63
CA GLU A 247 7.72 -1.40 -5.01
C GLU A 247 7.04 -1.42 -6.40
N TRP A 248 6.07 -2.34 -6.59
CA TRP A 248 5.40 -2.48 -7.88
C TRP A 248 4.61 -1.29 -8.30
N GLY A 249 4.39 -0.36 -7.36
CA GLY A 249 3.81 0.90 -7.69
C GLY A 249 4.43 1.64 -8.85
N ALA A 250 5.77 1.58 -8.98
CA ALA A 250 6.50 2.19 -10.11
C ALA A 250 6.49 1.41 -11.43
N PHE A 251 5.78 0.28 -11.47
CA PHE A 251 5.61 -0.45 -12.71
C PHE A 251 4.90 0.52 -13.65
N GLY A 252 5.33 0.51 -14.91
CA GLY A 252 4.85 1.46 -15.89
C GLY A 252 5.75 2.69 -16.09
N ASP A 253 6.70 2.91 -15.19
CA ASP A 253 7.48 4.16 -15.14
C ASP A 253 8.56 4.12 -16.25
N SER A 254 8.84 2.92 -16.79
CA SER A 254 9.59 2.76 -18.05
C SER A 254 8.71 2.56 -19.31
N GLY A 255 7.43 2.94 -19.28
CA GLY A 255 6.52 2.79 -20.43
C GLY A 255 5.74 1.47 -20.53
N GLU A 256 5.94 0.56 -19.60
CA GLU A 256 5.31 -0.75 -19.65
C GLU A 256 3.79 -0.77 -19.74
N LEU A 257 3.12 0.28 -19.28
CA LEU A 257 1.67 0.38 -19.29
C LEU A 257 1.09 1.32 -20.36
N ASP A 258 1.93 1.80 -21.28
CA ASP A 258 1.54 2.95 -22.11
C ASP A 258 0.29 2.63 -22.92
N GLU A 259 0.15 1.39 -23.35
CA GLU A 259 -1.01 1.02 -24.15
C GLU A 259 -2.28 0.97 -23.37
N PHE A 260 -2.23 1.00 -22.05
CA PHE A 260 -3.47 0.96 -21.24
C PHE A 260 -3.93 2.32 -20.67
N LEU A 261 -3.02 3.29 -20.59
CA LEU A 261 -3.30 4.56 -19.91
C LEU A 261 -4.32 5.37 -20.68
N LEU A 262 -5.25 5.99 -19.96
CA LEU A 262 -6.34 6.76 -20.56
C LEU A 262 -6.06 8.23 -20.27
N GLU A 263 -6.91 9.10 -20.81
CA GLU A 263 -6.77 10.53 -20.63
C GLU A 263 -6.80 10.87 -19.15
N TYR A 264 -7.70 10.23 -18.41
CA TYR A 264 -7.87 10.50 -17.00
C TYR A 264 -6.60 10.17 -16.20
N ASP A 265 -5.93 9.11 -16.63
CA ASP A 265 -4.66 8.70 -16.04
C ASP A 265 -3.55 9.73 -16.24
N ARG A 266 -3.40 10.22 -17.46
CA ARG A 266 -2.38 11.26 -17.69
C ARG A 266 -2.64 12.49 -16.81
N LEU A 267 -3.90 12.83 -16.59
CA LEU A 267 -4.27 14.07 -15.91
C LEU A 267 -4.00 13.93 -14.42
N VAL A 268 -4.30 12.74 -13.87
CA VAL A 268 -4.03 12.44 -12.45
C VAL A 268 -2.49 12.53 -12.27
N ASP A 269 -1.73 11.90 -13.18
CA ASP A 269 -0.26 11.92 -13.10
C ASP A 269 0.28 13.36 -13.15
N GLU A 270 -0.15 14.11 -14.18
CA GLU A 270 0.38 15.47 -14.38
C GLU A 270 0.14 16.40 -13.14
N SER A 271 -1.05 16.40 -12.56
CA SER A 271 -1.27 17.18 -11.34
C SER A 271 -0.87 16.52 -10.02
N SER A 272 -0.22 15.35 -10.07
CA SER A 272 0.19 14.64 -8.85
C SER A 272 1.48 15.25 -8.30
N ALA A 273 1.81 14.95 -7.05
CA ALA A 273 3.09 15.44 -6.45
C ALA A 273 4.36 14.88 -7.16
N ASN A 274 4.20 13.78 -7.89
CA ASN A 274 5.31 13.03 -8.46
C ASN A 274 5.04 12.64 -9.90
N PRO A 275 4.91 13.63 -10.80
CA PRO A 275 4.60 13.34 -12.22
C PRO A 275 5.55 12.31 -12.82
N GLY A 276 5.02 11.29 -13.48
CA GLY A 276 5.81 10.29 -14.24
C GLY A 276 6.27 9.12 -13.38
N GLN A 277 5.86 9.07 -12.14
CA GLN A 277 6.27 8.07 -11.21
C GLN A 277 5.03 7.41 -10.57
N GLN A 278 5.21 6.18 -10.12
CA GLN A 278 4.16 5.41 -9.50
C GLN A 278 2.90 5.28 -10.37
N LEU A 279 3.06 5.11 -11.68
CA LEU A 279 1.91 5.11 -12.59
C LEU A 279 0.95 3.93 -12.35
N TYR A 280 1.52 2.78 -12.06
CA TYR A 280 0.73 1.61 -11.77
C TYR A 280 -0.11 1.87 -10.54
N GLU A 281 0.51 2.43 -9.51
CA GLU A 281 -0.16 2.78 -8.27
C GLU A 281 -1.25 3.83 -8.48
N LYS A 282 -0.99 4.76 -9.39
CA LYS A 282 -2.03 5.72 -9.74
C LYS A 282 -3.31 5.11 -10.36
N LEU A 283 -3.22 3.90 -10.90
CA LEU A 283 -4.41 3.24 -11.47
C LEU A 283 -5.28 2.64 -10.38
N ILE A 284 -4.67 2.47 -9.19
CA ILE A 284 -5.23 1.63 -8.12
C ILE A 284 -5.49 2.27 -6.74
N GLY A 285 -4.53 3.07 -6.24
CA GLY A 285 -4.53 3.45 -4.88
C GLY A 285 -5.59 4.48 -4.57
N GLY A 286 -6.03 4.42 -3.31
CA GLY A 286 -7.03 5.32 -2.76
C GLY A 286 -6.62 6.78 -2.78
N LYS A 287 -5.32 7.06 -2.81
CA LYS A 287 -4.86 8.44 -3.11
C LYS A 287 -5.52 9.00 -4.40
N TYR A 288 -5.76 8.13 -5.39
CA TYR A 288 -6.07 8.55 -6.76
C TYR A 288 -7.41 8.05 -7.33
N MET A 289 -8.03 7.04 -6.72
CA MET A 289 -9.23 6.44 -7.32
C MET A 289 -10.39 7.46 -7.37
N GLY A 290 -10.58 8.17 -6.25
CA GLY A 290 -11.66 9.16 -6.13
C GLY A 290 -11.52 10.26 -7.17
N GLU A 291 -10.27 10.66 -7.42
CA GLU A 291 -9.95 11.69 -8.42
C GLU A 291 -10.13 11.21 -9.85
N LEU A 292 -9.78 9.97 -10.13
CA LEU A 292 -10.11 9.40 -11.45
C LEU A 292 -11.63 9.51 -11.69
N VAL A 293 -12.41 9.06 -10.69
CA VAL A 293 -13.87 9.08 -10.78
C VAL A 293 -14.30 10.49 -11.06
N ARG A 294 -13.84 11.43 -10.24
CA ARG A 294 -14.11 12.86 -10.45
C ARG A 294 -13.93 13.28 -11.93
N LEU A 295 -12.85 12.81 -12.56
CA LEU A 295 -12.47 13.24 -13.92
C LEU A 295 -13.35 12.59 -14.97
N VAL A 296 -13.80 11.38 -14.67
CA VAL A 296 -14.73 10.69 -15.53
C VAL A 296 -16.08 11.41 -15.43
N LEU A 297 -16.49 11.81 -14.21
CA LEU A 297 -17.77 12.45 -14.02
C LEU A 297 -17.81 13.79 -14.78
N LEU A 298 -16.74 14.58 -14.67
CA LEU A 298 -16.52 15.77 -15.51
C LEU A 298 -16.55 15.50 -17.03
N ARG A 299 -15.87 14.48 -17.52
CA ARG A 299 -16.01 14.12 -18.94
C ARG A 299 -17.50 13.96 -19.37
N LEU A 300 -18.28 13.27 -18.54
CA LEU A 300 -19.68 12.95 -18.85
C LEU A 300 -20.59 14.20 -18.77
N VAL A 301 -20.24 15.11 -17.86
CA VAL A 301 -20.79 16.46 -17.84
C VAL A 301 -20.49 17.26 -19.10
N ASP A 302 -19.21 17.37 -19.52
CA ASP A 302 -18.85 18.26 -20.66
C ASP A 302 -19.22 17.65 -21.99
N GLU A 303 -19.87 16.50 -21.92
CA GLU A 303 -20.61 15.94 -23.03
C GLU A 303 -22.14 16.11 -22.85
N ASN A 304 -22.57 16.78 -21.78
CA ASN A 304 -24.00 16.90 -21.43
C ASN A 304 -24.69 15.54 -21.35
N LEU A 305 -24.01 14.59 -20.71
CA LEU A 305 -24.60 13.29 -20.43
C LEU A 305 -24.85 13.11 -18.94
N LEU A 306 -24.52 14.15 -18.15
CA LEU A 306 -24.59 14.03 -16.70
C LEU A 306 -24.92 15.38 -16.08
N PHE A 307 -25.89 15.32 -15.14
CA PHE A 307 -26.43 16.47 -14.40
C PHE A 307 -26.98 17.58 -15.32
N HIS A 308 -27.50 17.19 -16.49
CA HIS A 308 -27.79 18.11 -17.60
C HIS A 308 -26.62 19.05 -17.96
N GLY A 309 -25.39 18.53 -17.85
CA GLY A 309 -24.18 19.29 -18.24
C GLY A 309 -23.75 20.43 -17.33
N GLU A 310 -24.30 20.45 -16.11
CA GLU A 310 -23.95 21.46 -15.10
C GLU A 310 -23.17 20.76 -14.00
N ALA A 311 -21.96 21.24 -13.70
CA ALA A 311 -21.17 20.67 -12.61
C ALA A 311 -21.05 21.71 -11.52
N SER A 312 -21.03 21.24 -10.27
CA SER A 312 -20.84 22.12 -9.14
C SER A 312 -19.41 22.63 -9.09
N GLU A 313 -19.25 23.69 -8.30
CA GLU A 313 -17.97 24.21 -7.84
C GLU A 313 -17.07 23.10 -7.29
N GLN A 314 -17.59 22.30 -6.36
CA GLN A 314 -16.78 21.26 -5.68
C GLN A 314 -16.43 20.05 -6.58
N LEU A 315 -17.26 19.76 -7.58
CA LEU A 315 -16.90 18.78 -8.61
C LEU A 315 -15.88 19.32 -9.64
N ARG A 316 -15.70 20.63 -9.71
CA ARG A 316 -14.62 21.23 -10.52
C ARG A 316 -13.34 21.35 -9.71
N THR A 317 -13.38 20.92 -8.46
CA THR A 317 -12.28 21.07 -7.49
C THR A 317 -11.50 19.75 -7.33
N ARG A 318 -10.23 19.78 -7.73
CA ARG A 318 -9.32 18.66 -7.55
C ARG A 318 -9.42 18.03 -6.19
N GLY A 319 -9.72 16.74 -6.13
CA GLY A 319 -9.68 15.98 -4.88
C GLY A 319 -10.96 15.92 -4.06
N ALA A 320 -12.03 16.57 -4.54
CA ALA A 320 -13.25 16.71 -3.76
C ALA A 320 -14.08 15.44 -3.84
N PHE A 321 -13.76 14.57 -4.80
CA PHE A 321 -14.36 13.26 -4.83
C PHE A 321 -13.39 12.33 -4.10
N GLU A 322 -13.54 12.26 -2.81
CA GLU A 322 -12.67 11.47 -1.98
C GLU A 322 -13.02 10.03 -2.24
N THR A 323 -12.02 9.18 -2.17
CA THR A 323 -12.14 7.73 -2.39
C THR A 323 -13.14 7.06 -1.44
N ARG A 324 -13.33 7.63 -0.24
CA ARG A 324 -14.36 7.07 0.65
C ARG A 324 -15.73 7.20 0.01
N PHE A 325 -15.94 8.28 -0.76
CA PHE A 325 -17.15 8.44 -1.57
C PHE A 325 -17.31 7.28 -2.56
N VAL A 326 -16.24 6.92 -3.26
CA VAL A 326 -16.31 5.83 -4.20
C VAL A 326 -16.84 4.61 -3.48
N SER A 327 -16.21 4.24 -2.36
CA SER A 327 -16.70 3.13 -1.50
C SER A 327 -18.18 3.27 -1.04
N GLN A 328 -18.57 4.47 -0.64
CA GLN A 328 -19.93 4.66 -0.15
C GLN A 328 -21.00 4.52 -1.27
N VAL A 329 -20.75 5.19 -2.40
CA VAL A 329 -21.55 5.01 -3.61
C VAL A 329 -21.88 3.55 -3.87
N GLU A 330 -20.84 2.75 -3.95
CA GLU A 330 -20.97 1.38 -4.29
C GLU A 330 -21.52 0.54 -3.14
N SER A 331 -21.62 1.10 -1.91
CA SER A 331 -22.27 0.42 -0.76
C SER A 331 -23.81 0.45 -0.88
N ASP A 332 -24.33 1.30 -1.76
CA ASP A 332 -25.77 1.49 -1.90
C ASP A 332 -26.56 0.17 -2.10
N GLY A 334 -29.50 -0.41 -3.04
CA GLY A 334 -30.19 -0.08 -4.29
C GLY A 334 -31.31 1.00 -4.29
N ASP A 335 -31.53 1.66 -3.14
CA ASP A 335 -32.52 2.76 -3.01
C ASP A 335 -31.94 4.16 -3.30
N ARG A 336 -30.68 4.18 -3.72
CA ARG A 336 -29.91 5.40 -4.01
C ARG A 336 -29.67 6.33 -2.81
N LYS A 337 -29.96 5.86 -1.60
CA LYS A 337 -29.77 6.67 -0.41
C LYS A 337 -28.28 7.02 -0.20
N GLN A 338 -27.40 6.02 -0.28
CA GLN A 338 -25.93 6.22 -0.15
C GLN A 338 -25.39 7.17 -1.24
N ILE A 339 -25.91 7.02 -2.46
CA ILE A 339 -25.45 7.82 -3.60
C ILE A 339 -25.92 9.28 -3.46
N TYR A 340 -27.20 9.46 -3.15
CA TYR A 340 -27.81 10.78 -2.92
C TYR A 340 -27.09 11.55 -1.81
N ASN A 341 -26.68 10.81 -0.78
CA ASN A 341 -26.07 11.42 0.41
C ASN A 341 -24.63 11.90 0.14
N ILE A 342 -23.89 11.23 -0.76
CA ILE A 342 -22.58 11.71 -1.27
C ILE A 342 -22.70 12.84 -2.29
N LEU A 343 -23.69 12.74 -3.17
CA LEU A 343 -23.88 13.71 -4.21
C LEU A 343 -24.42 15.05 -3.69
N SER A 344 -25.47 15.01 -2.87
CA SER A 344 -25.93 16.20 -2.17
C SER A 344 -24.75 16.87 -1.41
N THR A 345 -23.95 16.08 -0.68
CA THR A 345 -22.66 16.56 -0.07
C THR A 345 -21.87 17.44 -1.06
N LEU A 346 -21.80 17.00 -2.32
CA LEU A 346 -21.05 17.71 -3.36
C LEU A 346 -21.74 18.90 -4.04
N GLY A 347 -22.89 19.36 -3.55
CA GLY A 347 -23.58 20.51 -4.17
C GLY A 347 -24.25 20.20 -5.50
N LEU A 348 -24.64 18.94 -5.66
CA LEU A 348 -25.32 18.45 -6.88
C LEU A 348 -26.75 17.99 -6.61
N ARG A 349 -27.57 17.97 -7.66
CA ARG A 349 -28.95 17.46 -7.58
C ARG A 349 -29.13 16.41 -8.64
N PRO A 350 -28.69 15.18 -8.32
CA PRO A 350 -28.80 14.09 -9.28
C PRO A 350 -30.28 13.76 -9.57
N SER A 351 -30.52 13.39 -10.82
CA SER A 351 -31.71 12.66 -11.17
C SER A 351 -31.57 11.29 -10.55
N THR A 352 -32.62 10.50 -10.69
CA THR A 352 -32.52 9.08 -10.40
C THR A 352 -31.49 8.39 -11.34
N THR A 353 -31.36 8.86 -12.60
CA THR A 353 -30.41 8.31 -13.61
C THR A 353 -28.94 8.65 -13.32
N ASP A 354 -28.72 9.90 -12.90
CA ASP A 354 -27.37 10.37 -12.52
C ASP A 354 -26.80 9.48 -11.45
N CYS A 355 -27.63 9.17 -10.46
CA CYS A 355 -27.19 8.32 -9.34
C CYS A 355 -26.70 7.00 -9.91
N ASP A 356 -27.47 6.46 -10.83
CA ASP A 356 -27.08 5.22 -11.52
C ASP A 356 -25.81 5.42 -12.35
N ILE A 357 -25.65 6.60 -12.96
CA ILE A 357 -24.48 6.92 -13.77
C ILE A 357 -23.19 7.05 -12.90
N VAL A 358 -23.32 7.76 -11.80
CA VAL A 358 -22.21 7.87 -10.85
C VAL A 358 -21.83 6.53 -10.27
N ARG A 359 -22.81 5.68 -9.98
CA ARG A 359 -22.48 4.35 -9.49
C ARG A 359 -21.78 3.46 -10.55
N ARG A 360 -22.18 3.64 -11.81
CA ARG A 360 -21.49 2.98 -12.92
C ARG A 360 -20.05 3.47 -13.05
N ALA A 361 -19.83 4.77 -12.93
CA ALA A 361 -18.49 5.37 -13.03
C ALA A 361 -17.54 4.89 -11.91
N CYS A 362 -17.99 4.99 -10.66
CA CYS A 362 -17.33 4.33 -9.53
C CYS A 362 -16.94 2.91 -9.84
N GLU A 363 -17.92 2.11 -10.25
CA GLU A 363 -17.68 0.74 -10.67
C GLU A 363 -16.60 0.58 -11.70
N SER A 364 -16.54 1.51 -12.64
CA SER A 364 -15.63 1.39 -13.79
C SER A 364 -14.19 1.66 -13.35
N VAL A 365 -14.01 2.61 -12.44
CA VAL A 365 -12.70 2.92 -11.95
C VAL A 365 -12.27 1.84 -10.95
N SER A 366 -13.14 1.56 -9.99
CA SER A 366 -12.86 0.61 -8.94
C SER A 366 -12.61 -0.80 -9.51
N THR A 367 -13.38 -1.17 -10.53
CA THR A 367 -13.16 -2.46 -11.22
C THR A 367 -11.84 -2.51 -11.98
N ARG A 368 -11.51 -1.45 -12.70
CA ARG A 368 -10.20 -1.45 -13.32
C ARG A 368 -9.04 -1.56 -12.29
N ALA A 369 -9.15 -0.85 -11.19
CA ALA A 369 -8.20 -0.99 -10.12
C ALA A 369 -8.01 -2.43 -9.62
N ALA A 370 -9.10 -3.09 -9.30
CA ALA A 370 -9.05 -4.48 -8.84
C ALA A 370 -8.42 -5.42 -9.88
N HIS A 371 -8.70 -5.10 -11.14
CA HIS A 371 -8.21 -5.91 -12.25
C HIS A 371 -6.76 -5.64 -12.48
N MET A 372 -6.37 -4.38 -12.56
CA MET A 372 -4.91 -4.09 -12.66
C MET A 372 -4.09 -4.70 -11.51
N CYS A 373 -4.60 -4.53 -10.28
CA CYS A 373 -3.98 -5.09 -9.09
C CYS A 373 -3.86 -6.61 -9.09
N SER A 374 -4.89 -7.30 -9.60
CA SER A 374 -4.88 -8.76 -9.66
C SER A 374 -3.78 -9.32 -10.57
N ALA A 375 -3.45 -8.57 -11.63
CA ALA A 375 -2.42 -8.95 -12.57
C ALA A 375 -1.05 -8.89 -11.94
N GLY A 376 -0.86 -7.83 -11.15
CA GLY A 376 0.28 -7.68 -10.29
C GLY A 376 0.47 -8.90 -9.37
N LEU A 377 -0.53 -9.14 -8.55
CA LEU A 377 -0.38 -10.19 -7.57
C LEU A 377 -0.24 -11.59 -8.22
N ALA A 378 -0.98 -11.81 -9.32
CA ALA A 378 -0.87 -13.07 -10.06
C ALA A 378 0.55 -13.26 -10.51
N GLY A 379 1.18 -12.17 -10.98
CA GLY A 379 2.54 -12.19 -11.45
C GLY A 379 3.52 -12.71 -10.39
N VAL A 380 3.36 -12.17 -9.19
CA VAL A 380 4.14 -12.55 -8.03
C VAL A 380 3.86 -13.98 -7.64
N ILE A 381 2.59 -14.36 -7.56
CA ILE A 381 2.23 -15.68 -7.08
C ILE A 381 2.66 -16.72 -8.12
N ASN A 382 2.41 -16.46 -9.41
CA ASN A 382 2.87 -17.44 -10.44
C ASN A 382 4.37 -17.58 -10.50
N ARG A 383 5.11 -16.51 -10.24
CA ARG A 383 6.57 -16.57 -10.25
C ARG A 383 7.04 -17.49 -9.10
N MET A 384 6.44 -17.29 -7.94
CA MET A 384 6.78 -18.08 -6.78
C MET A 384 6.49 -19.55 -7.02
N ARG A 385 5.32 -19.83 -7.58
CA ARG A 385 4.97 -21.23 -7.94
C ARG A 385 6.01 -21.88 -8.79
N GLU A 386 6.43 -21.14 -9.81
CA GLU A 386 7.40 -21.63 -10.79
C GLU A 386 8.77 -21.87 -10.16
N SER A 387 9.14 -21.07 -9.15
CA SER A 387 10.43 -21.21 -8.45
C SER A 387 10.42 -22.35 -7.46
N ARG A 388 9.35 -23.18 -7.42
CA ARG A 388 9.24 -24.29 -6.44
C ARG A 388 8.80 -25.62 -7.08
N SER A 389 8.36 -26.54 -6.25
CA SER A 389 8.15 -27.93 -6.63
C SER A 389 6.64 -28.17 -6.59
N GLU A 390 5.95 -27.17 -7.08
CA GLU A 390 4.53 -26.99 -6.84
C GLU A 390 3.70 -27.50 -8.00
N ASP A 391 2.84 -28.49 -7.85
CA ASP A 391 1.81 -28.67 -8.89
C ASP A 391 0.76 -27.57 -8.60
N VAL A 392 0.05 -27.66 -7.49
CA VAL A 392 -0.82 -26.56 -7.06
C VAL A 392 -0.22 -25.90 -5.82
N MET A 393 0.09 -24.62 -5.93
CA MET A 393 0.69 -23.95 -4.78
C MET A 393 -0.41 -23.42 -3.92
N ARG A 394 -0.41 -23.84 -2.67
CA ARG A 394 -1.24 -23.24 -1.61
C ARG A 394 -0.45 -22.12 -0.96
N ILE A 395 -0.95 -20.90 -1.03
CA ILE A 395 -0.24 -19.82 -0.43
C ILE A 395 -1.17 -18.88 0.26
N THR A 396 -0.66 -18.27 1.34
CA THR A 396 -1.43 -17.27 2.06
C THR A 396 -0.90 -15.84 1.78
N VAL A 397 -1.82 -14.94 1.54
CA VAL A 397 -1.48 -13.55 1.29
C VAL A 397 -2.05 -12.72 2.44
N GLY A 398 -1.17 -11.97 3.15
CA GLY A 398 -1.66 -10.87 4.04
C GLY A 398 -1.93 -9.57 3.32
N VAL A 399 -3.13 -9.00 3.54
CA VAL A 399 -3.56 -7.79 2.86
C VAL A 399 -4.08 -6.78 3.88
N ASP A 400 -3.62 -5.55 3.78
CA ASP A 400 -4.06 -4.42 4.65
C ASP A 400 -4.38 -3.35 3.63
N GLY A 401 -4.88 -2.19 4.06
CA GLY A 401 -5.19 -1.04 3.23
C GLY A 401 -6.69 -0.80 3.24
N SER A 402 -7.08 0.46 3.06
CA SER A 402 -8.44 0.93 3.17
C SER A 402 -9.27 0.61 1.92
N VAL A 403 -8.71 0.76 0.73
CA VAL A 403 -9.41 0.33 -0.48
C VAL A 403 -9.87 -1.11 -0.34
N TYR A 404 -8.93 -1.98 -0.07
CA TYR A 404 -9.27 -3.35 0.11
C TYR A 404 -10.23 -3.67 1.27
N LYS A 405 -9.99 -3.14 2.46
CA LYS A 405 -10.79 -3.49 3.63
C LYS A 405 -12.20 -2.94 3.52
N LEU A 406 -12.29 -1.69 3.07
CA LEU A 406 -13.52 -0.88 3.12
C LEU A 406 -14.23 -0.76 1.81
N HIS A 407 -13.62 -1.08 0.68
CA HIS A 407 -14.39 -0.88 -0.54
C HIS A 407 -15.34 -2.07 -0.75
N PRO A 408 -16.66 -1.77 -0.90
CA PRO A 408 -17.73 -2.77 -0.75
C PRO A 408 -17.67 -3.96 -1.71
N SER A 409 -16.99 -3.81 -2.84
CA SER A 409 -16.90 -4.87 -3.84
C SER A 409 -15.48 -4.98 -4.50
N PHE A 410 -14.56 -4.09 -4.18
CA PHE A 410 -13.23 -4.11 -4.78
C PHE A 410 -12.61 -5.47 -4.48
N LYS A 411 -12.72 -5.88 -3.22
CA LYS A 411 -12.13 -7.08 -2.74
C LYS A 411 -12.55 -8.31 -3.54
N GLU A 412 -13.87 -8.42 -3.73
CA GLU A 412 -14.53 -9.55 -4.36
C GLU A 412 -14.14 -9.57 -5.83
N ARG A 413 -14.19 -8.41 -6.44
CA ARG A 413 -13.68 -8.27 -7.78
C ARG A 413 -12.19 -8.66 -7.92
N PHE A 414 -11.36 -8.25 -6.96
CA PHE A 414 -9.93 -8.51 -6.96
C PHE A 414 -9.71 -10.01 -6.87
N HIS A 415 -10.35 -10.65 -5.90
CA HIS A 415 -10.14 -12.06 -5.65
C HIS A 415 -10.41 -12.91 -6.88
N ALA A 416 -11.55 -12.64 -7.51
CA ALA A 416 -12.05 -13.45 -8.64
C ALA A 416 -11.14 -13.24 -9.83
N SER A 417 -10.67 -12.02 -10.01
CA SER A 417 -9.73 -11.77 -11.10
C SER A 417 -8.41 -12.44 -10.82
N VAL A 418 -7.99 -12.45 -9.55
CA VAL A 418 -6.70 -13.05 -9.20
C VAL A 418 -6.75 -14.54 -9.46
N ARG A 419 -7.87 -15.13 -9.09
CA ARG A 419 -8.07 -16.59 -9.26
C ARG A 419 -8.08 -17.08 -10.70
N ARG A 420 -8.62 -16.30 -11.61
CA ARG A 420 -8.60 -16.63 -13.03
C ARG A 420 -7.20 -16.63 -13.59
N LEU A 421 -6.30 -15.81 -13.02
CA LEU A 421 -4.92 -15.64 -13.51
C LEU A 421 -3.96 -16.58 -12.84
N THR A 422 -4.44 -17.26 -11.82
CA THR A 422 -3.64 -18.19 -11.04
C THR A 422 -4.37 -19.53 -10.90
N PRO A 423 -4.76 -20.17 -12.06
CA PRO A 423 -5.60 -21.35 -12.04
C PRO A 423 -4.84 -22.57 -11.47
N SER A 424 -3.52 -22.45 -11.26
CA SER A 424 -2.79 -23.53 -10.55
C SER A 424 -2.32 -23.19 -9.13
N CYS A 425 -2.97 -22.26 -8.46
CA CYS A 425 -2.69 -21.97 -7.07
C CYS A 425 -4.00 -21.92 -6.32
N GLU A 426 -3.95 -22.20 -5.02
CA GLU A 426 -5.07 -21.95 -4.14
C GLU A 426 -4.63 -20.95 -3.14
N ILE A 427 -5.30 -19.81 -3.17
CA ILE A 427 -4.85 -18.69 -2.38
C ILE A 427 -5.86 -18.37 -1.29
N THR A 428 -5.32 -18.21 -0.08
CA THR A 428 -6.00 -17.74 1.11
C THR A 428 -5.53 -16.30 1.37
N PHE A 429 -6.51 -15.40 1.38
CA PHE A 429 -6.23 -14.00 1.68
C PHE A 429 -6.58 -13.72 3.12
N ILE A 430 -5.60 -13.26 3.91
CA ILE A 430 -5.85 -12.83 5.29
C ILE A 430 -5.88 -11.31 5.38
N GLU A 431 -7.04 -10.77 5.70
CA GLU A 431 -7.20 -9.37 5.98
C GLU A 431 -6.57 -9.06 7.35
N SER A 432 -5.44 -8.35 7.34
CA SER A 432 -4.72 -7.92 8.56
C SER A 432 -5.56 -6.90 9.30
N GLU A 433 -5.89 -7.15 10.54
CA GLU A 433 -6.57 -6.12 11.35
C GLU A 433 -5.68 -4.86 11.59
N GLU A 434 -4.43 -5.09 11.98
CA GLU A 434 -3.48 -4.00 12.24
C GLU A 434 -2.06 -4.47 11.96
N GLY A 435 -1.93 -5.33 10.97
CA GLY A 435 -0.66 -5.97 10.65
C GLY A 435 0.48 -5.02 10.29
N SER A 436 0.16 -3.89 9.67
CA SER A 436 1.18 -2.91 9.22
C SER A 436 1.95 -2.42 10.41
N GLY A 437 1.29 -2.39 11.55
CA GLY A 437 1.85 -1.93 12.81
C GLY A 437 2.34 -3.07 13.69
N ARG A 438 1.53 -4.11 13.84
CA ARG A 438 1.92 -5.27 14.63
C ARG A 438 3.17 -5.95 14.10
N GLY A 439 3.27 -6.10 12.79
CA GLY A 439 4.41 -6.74 12.16
C GLY A 439 5.79 -6.15 12.47
N ALA A 440 5.85 -4.83 12.53
CA ALA A 440 7.03 -4.11 12.96
C ALA A 440 7.53 -4.40 14.37
N ALA A 441 6.58 -4.56 15.27
CA ALA A 441 6.86 -5.08 16.57
C ALA A 441 7.38 -6.50 16.51
N LEU A 442 6.74 -7.36 15.74
CA LEU A 442 7.16 -8.78 15.74
C LEU A 442 8.50 -8.98 15.06
N VAL A 443 8.78 -8.16 14.04
CA VAL A 443 10.11 -8.24 13.42
C VAL A 443 11.20 -7.82 14.40
N SER A 444 10.91 -6.78 15.19
CA SER A 444 11.82 -6.28 16.19
C SER A 444 12.11 -7.37 17.22
N ALA A 445 11.05 -8.10 17.61
CA ALA A 445 11.22 -9.18 18.56
C ALA A 445 12.14 -10.29 18.10
N VAL A 446 12.02 -10.62 16.82
CA VAL A 446 12.86 -11.59 16.11
C VAL A 446 14.26 -11.01 16.01
N ALA A 447 14.40 -9.77 15.57
CA ALA A 447 15.72 -9.14 15.53
C ALA A 447 16.44 -9.14 16.90
N CYS A 448 15.70 -8.86 17.96
CA CYS A 448 16.29 -8.80 19.29
C CYS A 448 16.83 -10.15 19.70
N LYS A 449 16.25 -11.21 19.17
CA LYS A 449 16.66 -12.54 19.55
C LYS A 449 18.09 -12.73 19.00
N LYS A 450 19.01 -11.81 19.37
CA LYS A 450 20.42 -11.68 18.88
C LYS A 450 21.17 -10.55 19.61
NA NA B . 21.76 -13.79 -3.09
C1 GLC C . 3.58 3.36 -1.88
C2 GLC C . 4.97 3.24 -1.24
C3 GLC C . 5.21 1.83 -0.73
C4 GLC C . 4.08 1.33 0.19
C5 GLC C . 2.76 1.56 -0.55
C6 GLC C . 1.59 1.18 0.31
O1 GLC C . 3.64 2.49 -3.00
O2 GLC C . 6.02 3.53 -2.20
O3 GLC C . 6.47 1.74 -0.13
O4 GLC C . 4.23 -0.07 0.45
O5 GLC C . 2.58 2.89 -0.99
O6 GLC C . 1.55 1.98 1.49
C1 1JD D . 16.88 -9.36 11.32
C2 1JD D . 15.68 -10.22 11.03
C3 1JD D . 14.55 -10.21 11.80
C4 1JD D . 13.49 -11.05 11.45
C5 1JD D . 13.62 -11.88 10.33
N1 1JD D . 14.74 -11.86 9.61
C6 1JD D . 15.73 -11.05 9.97
N2 1JD D . 12.59 -12.79 9.89
C7 1JD D . 11.32 -12.79 10.29
O1 1JD D . 10.82 -11.99 11.10
C8 1JD D . 10.47 -13.90 9.64
C9 1JD D . 10.17 -13.67 8.19
O2 1JD D . 9.52 -14.85 7.72
C10 1JD D . 8.68 -14.61 6.60
C11 1JD D . 7.35 -14.06 7.07
C12 1JD D . 8.46 -15.94 5.87
O3 1JD D . 9.22 -14.03 10.31
C13 1JD D . 9.23 -14.62 11.52
C14 1JD D . 8.10 -14.57 12.32
C15 1JD D . 6.78 -14.06 12.31
N3 1JD D . 6.15 -14.37 13.44
N4 1JD D . 7.04 -15.10 14.19
C16 1JD D . 8.24 -15.21 13.56
N5 1JD D . 9.32 -15.86 14.02
C17 1JD D . 10.30 -15.81 13.15
N6 1JD D . 10.33 -15.24 11.93
C18 1JD D . 6.68 -15.51 15.48
C19 1JD D . 6.79 -14.63 16.54
C20 1JD D . 6.46 -15.04 17.80
C21 1JD D . 6.02 -16.33 17.95
C22 1JD D . 5.94 -17.17 16.86
N7 1JD D . 6.27 -16.78 15.60
CL1 1JD D . 7.36 -13.04 16.16
#